data_5SK8
#
_entry.id   5SK8
#
_cell.length_a   141.187
_cell.length_b   141.187
_cell.length_c   141.187
_cell.angle_alpha   90.000
_cell.angle_beta   90.000
_cell.angle_gamma   90.000
#
_symmetry.space_group_name_H-M   'I 2 3'
#
loop_
_entity.id
_entity.type
_entity.pdbx_description
1 polymer "cAMP and cAMP-inhibited cGMP 3',5'-cyclic phosphodiesterase 10A"
2 non-polymer 'ZINC ION'
3 non-polymer 'MAGNESIUM ION'
4 non-polymer 4-chloro-N-(2-phenyl-1H-benzimidazol-5-yl)-1-propyl-1H-pyrazole-5-carboxamide
5 water water
#
_entity_poly.entity_id   1
_entity_poly.type   'polypeptide(L)'
_entity_poly.pdbx_seq_one_letter_code
;GSSICTSEEWQGLMQFTLPVRL(CME)KEIELFHFDIGPFENMWPGIFVYMVHRSCGTSCFELEKL(CME)RFIMSVKKN
YRRVPYHNWKHAVTVAHCMYAILQNNHTLFTDLERKGLLIACLCHDLDHRGFSNSYLQKFDHPLAALYSTSTMEQHHFSQ
TVSILQLEGHNIFSTLSSSEYEQVLEIIRKAIIATDLALYFGNRKQLEEMYQTGSLNLNNQSHRDRVIGLMMTACDLCSV
TKLWPVTKLTANDIYAEFWAEGDEMKKLGIQPIPMMDRDKKDEVPQGQLGFYNAVAIPCYTTLTQILPPTEPLLKACRDN
LSQWEKVIRGEETATWISSPSVAQKAAASED
;
_entity_poly.pdbx_strand_id   A
#
loop_
_chem_comp.id
_chem_comp.type
_chem_comp.name
_chem_comp.formula
KCU non-polymer 4-chloro-N-(2-phenyl-1H-benzimidazol-5-yl)-1-propyl-1H-pyrazole-5-carboxamide 'C20 H18 Cl N5 O'
MG non-polymer 'MAGNESIUM ION' 'Mg 2'
ZN non-polymer 'ZINC ION' 'Zn 2'
#
# COMPACT_ATOMS: atom_id res chain seq x y z
N GLY A 12 -5.44 28.45 -3.38
CA GLY A 12 -4.21 28.35 -4.22
C GLY A 12 -3.00 29.00 -3.59
N LEU A 13 -3.16 30.15 -2.92
CA LEU A 13 -2.06 31.03 -2.45
C LEU A 13 -1.49 30.53 -1.12
N MET A 14 -2.17 29.62 -0.44
CA MET A 14 -1.64 28.88 0.74
C MET A 14 -1.08 27.54 0.25
N GLN A 15 0.22 27.50 0.01
CA GLN A 15 0.92 26.31 -0.51
C GLN A 15 1.67 25.62 0.63
N PHE A 16 1.54 24.29 0.70
CA PHE A 16 2.29 23.45 1.65
C PHE A 16 3.76 23.43 1.22
N THR A 17 4.64 23.55 2.20
CA THR A 17 6.11 23.52 2.00
C THR A 17 6.74 22.56 3.02
N LEU A 18 7.83 21.90 2.65
CA LEU A 18 8.56 20.97 3.55
C LEU A 18 9.96 21.51 3.82
N PRO A 19 10.57 21.17 4.98
CA PRO A 19 11.96 21.49 5.21
C PRO A 19 12.82 20.97 4.06
N VAL A 20 13.99 21.55 3.92
CA VAL A 20 14.93 21.37 2.78
C VAL A 20 15.20 19.87 2.59
N ARG A 21 15.59 19.13 3.64
CA ARG A 21 15.93 17.70 3.47
C ARG A 21 14.71 16.94 2.92
N LEU A 22 13.50 17.19 3.46
CA LEU A 22 12.26 16.41 3.14
C LEU A 22 11.83 16.74 1.71
N CME A 23 11.88 18.02 1.36
CA CME A 23 11.56 18.57 0.02
CB CME A 23 11.72 20.08 0.05
SG CME A 23 11.38 20.98 -1.48
SD CME A 23 13.12 20.89 -2.56
CE CME A 23 14.51 21.08 -1.40
CZ CME A 23 15.24 22.40 -1.41
OH CME A 23 14.38 23.48 -1.11
C CME A 23 12.39 17.84 -1.04
O CME A 23 11.81 17.45 -2.08
N LYS A 24 13.68 17.62 -0.80
CA LYS A 24 14.58 16.89 -1.72
C LYS A 24 14.25 15.41 -1.69
N GLU A 25 14.23 14.81 -0.49
CA GLU A 25 14.34 13.33 -0.34
C GLU A 25 12.97 12.69 -0.58
N ILE A 26 11.87 13.42 -0.42
CA ILE A 26 10.51 12.89 -0.70
C ILE A 26 10.37 12.46 -2.17
N GLU A 27 11.16 13.04 -3.07
CA GLU A 27 11.14 12.71 -4.51
C GLU A 27 11.76 11.32 -4.71
N LEU A 28 12.57 10.85 -3.77
CA LEU A 28 13.25 9.53 -3.84
C LEU A 28 12.24 8.44 -3.50
N PHE A 29 12.31 7.31 -4.19
CA PHE A 29 11.42 6.14 -3.96
C PHE A 29 11.65 5.61 -2.54
N HIS A 30 12.86 5.72 -2.00
CA HIS A 30 13.23 5.06 -0.72
C HIS A 30 13.03 5.99 0.47
N PHE A 31 12.45 7.17 0.25
CA PHE A 31 12.08 8.11 1.33
C PHE A 31 11.30 7.37 2.43
N ASP A 32 11.72 7.59 3.67
CA ASP A 32 11.01 7.21 4.92
C ASP A 32 10.32 8.49 5.44
N ILE A 33 9.05 8.40 5.86
CA ILE A 33 8.27 9.60 6.26
C ILE A 33 8.65 10.04 7.69
N GLY A 34 9.43 9.24 8.42
CA GLY A 34 9.99 9.63 9.72
C GLY A 34 9.02 9.36 10.86
N PRO A 35 9.46 9.61 12.12
CA PRO A 35 8.68 9.24 13.30
C PRO A 35 7.76 10.33 13.87
N PHE A 36 7.70 11.51 13.27
CA PHE A 36 6.83 12.60 13.77
C PHE A 36 5.43 12.43 13.18
N GLU A 37 4.51 11.79 13.91
CA GLU A 37 3.10 11.57 13.45
C GLU A 37 2.51 12.89 12.94
N ASN A 38 2.73 13.99 13.66
CA ASN A 38 2.04 15.30 13.40
C ASN A 38 2.49 15.88 12.06
N MET A 39 3.55 15.36 11.45
CA MET A 39 4.02 15.85 10.13
C MET A 39 3.39 15.08 8.97
N TRP A 40 2.83 13.90 9.19
CA TRP A 40 2.36 13.02 8.09
C TRP A 40 1.18 13.65 7.33
N PRO A 41 0.17 14.29 7.98
CA PRO A 41 -0.90 14.94 7.24
C PRO A 41 -0.36 16.02 6.28
N GLY A 42 0.54 16.87 6.76
CA GLY A 42 1.26 17.88 5.94
C GLY A 42 1.97 17.23 4.75
N ILE A 43 2.74 16.19 5.00
CA ILE A 43 3.45 15.42 3.94
C ILE A 43 2.45 14.91 2.89
N PHE A 44 1.29 14.40 3.30
CA PHE A 44 0.30 13.82 2.36
C PHE A 44 -0.33 14.91 1.50
N VAL A 45 -0.73 16.03 2.12
CA VAL A 45 -1.32 17.21 1.42
C VAL A 45 -0.30 17.72 0.39
N TYR A 46 0.98 17.80 0.74
CA TYR A 46 2.04 18.31 -0.16
C TYR A 46 2.10 17.40 -1.39
N MET A 47 2.10 16.10 -1.16
CA MET A 47 2.19 15.11 -2.25
C MET A 47 0.94 15.25 -3.13
N VAL A 48 -0.23 15.48 -2.52
CA VAL A 48 -1.50 15.69 -3.29
C VAL A 48 -1.37 16.96 -4.14
N HIS A 49 -0.94 18.08 -3.56
CA HIS A 49 -0.87 19.39 -4.25
C HIS A 49 0.06 19.30 -5.47
N ARG A 50 1.12 18.50 -5.38
CA ARG A 50 2.18 18.39 -6.41
C ARG A 50 1.83 17.33 -7.47
N SER A 51 1.20 16.22 -7.08
CA SER A 51 0.89 15.09 -7.98
C SER A 51 -0.46 15.30 -8.68
N CYS A 52 -1.40 15.96 -8.00
CA CYS A 52 -2.77 16.23 -8.49
C CYS A 52 -2.85 17.69 -8.93
N GLY A 53 -2.59 18.61 -8.00
CA GLY A 53 -2.79 20.07 -8.18
C GLY A 53 -3.46 20.67 -6.96
N THR A 54 -3.26 21.97 -6.74
CA THR A 54 -3.71 22.70 -5.52
C THR A 54 -5.23 22.88 -5.53
N SER A 55 -5.89 22.70 -6.68
CA SER A 55 -7.34 22.92 -6.86
C SER A 55 -8.10 21.59 -6.94
N CYS A 56 -7.39 20.45 -7.00
CA CYS A 56 -8.01 19.10 -6.96
C CYS A 56 -8.99 18.97 -5.82
N PHE A 57 -8.67 19.53 -4.64
CA PHE A 57 -9.49 19.46 -3.40
C PHE A 57 -9.54 20.79 -2.67
N GLU A 58 -10.68 21.09 -2.02
CA GLU A 58 -10.80 22.14 -0.98
C GLU A 58 -9.98 21.71 0.24
N LEU A 59 -9.02 22.53 0.65
CA LEU A 59 -8.04 22.20 1.71
C LEU A 59 -8.75 21.83 3.02
N GLU A 60 -9.81 22.55 3.37
CA GLU A 60 -10.58 22.35 4.63
C GLU A 60 -11.16 20.93 4.68
N LYS A 61 -11.82 20.50 3.60
CA LYS A 61 -12.50 19.18 3.49
C LYS A 61 -11.43 18.08 3.50
N LEU A 62 -10.37 18.25 2.71
CA LEU A 62 -9.24 17.31 2.61
C LEU A 62 -8.67 17.09 4.02
N CME A 63 -8.42 18.18 4.76
CA CME A 63 -7.86 18.13 6.13
CB CME A 63 -7.45 19.49 6.65
SG CME A 63 -5.86 20.08 6.02
SD CME A 63 -4.51 18.78 6.86
CE CME A 63 -3.86 19.66 8.31
CZ CME A 63 -2.52 20.28 8.05
OH CME A 63 -1.57 19.89 9.01
C CME A 63 -8.83 17.37 7.03
O CME A 63 -8.39 16.46 7.75
N ARG A 64 -10.12 17.70 6.97
CA ARG A 64 -11.16 17.03 7.79
C ARG A 64 -11.17 15.53 7.44
N PHE A 65 -11.04 15.21 6.15
CA PHE A 65 -11.03 13.82 5.63
C PHE A 65 -9.80 13.08 6.15
N ILE A 66 -8.62 13.70 6.04
CA ILE A 66 -7.33 13.11 6.46
C ILE A 66 -7.44 12.72 7.94
N MET A 67 -7.99 13.61 8.76
CA MET A 67 -7.99 13.43 10.24
C MET A 67 -9.00 12.35 10.62
N SER A 68 -10.12 12.24 9.91
CA SER A 68 -11.12 11.16 10.17
C SER A 68 -10.55 9.80 9.72
N VAL A 69 -9.75 9.78 8.66
CA VAL A 69 -9.09 8.53 8.20
C VAL A 69 -8.09 8.06 9.27
N LYS A 70 -7.26 8.96 9.79
CA LYS A 70 -6.28 8.69 10.86
C LYS A 70 -7.00 8.08 12.07
N LYS A 71 -8.10 8.71 12.49
CA LYS A 71 -8.88 8.25 13.67
C LYS A 71 -9.38 6.81 13.47
N ASN A 72 -9.59 6.36 12.22
CA ASN A 72 -10.20 5.04 11.94
C ASN A 72 -9.14 3.98 11.59
N TYR A 73 -7.85 4.34 11.65
CA TYR A 73 -6.72 3.38 11.73
C TYR A 73 -6.49 3.08 13.21
N ARG A 74 -6.08 1.85 13.50
CA ARG A 74 -5.89 1.35 14.88
C ARG A 74 -4.41 1.32 15.24
N ARG A 75 -4.16 1.25 16.55
CA ARG A 75 -2.81 1.25 17.19
C ARG A 75 -2.30 -0.18 17.12
N VAL A 76 -1.97 -0.63 15.93
CA VAL A 76 -1.41 -1.99 15.69
C VAL A 76 0.02 -1.81 15.23
N PRO A 77 0.85 -2.87 15.33
CA PRO A 77 2.27 -2.72 15.05
C PRO A 77 2.61 -2.28 13.61
N TYR A 78 1.91 -2.79 12.60
CA TYR A 78 2.31 -2.58 11.17
C TYR A 78 1.18 -1.94 10.35
N HIS A 79 -0.02 -2.50 10.38
CA HIS A 79 -1.17 -2.07 9.52
C HIS A 79 -1.81 -0.83 10.14
N ASN A 80 -1.04 0.26 10.21
CA ASN A 80 -1.37 1.47 10.99
C ASN A 80 -1.31 2.71 10.08
N TRP A 81 -1.59 3.86 10.66
CA TRP A 81 -1.62 5.18 9.96
C TRP A 81 -0.29 5.44 9.23
N LYS A 82 0.84 5.04 9.81
CA LYS A 82 2.18 5.30 9.24
C LYS A 82 2.36 4.49 7.94
N HIS A 83 1.86 3.25 7.92
CA HIS A 83 1.80 2.37 6.73
C HIS A 83 0.93 3.03 5.65
N ALA A 84 -0.23 3.58 6.02
CA ALA A 84 -1.16 4.24 5.08
C ALA A 84 -0.40 5.36 4.33
N VAL A 85 0.29 6.22 5.06
CA VAL A 85 1.00 7.38 4.45
C VAL A 85 2.22 6.87 3.65
N THR A 86 2.92 5.87 4.18
CA THR A 86 4.07 5.22 3.52
C THR A 86 3.62 4.71 2.14
N VAL A 87 2.51 3.99 2.09
CA VAL A 87 1.98 3.39 0.84
C VAL A 87 1.62 4.52 -0.15
N ALA A 88 0.92 5.56 0.33
CA ALA A 88 0.57 6.78 -0.45
C ALA A 88 1.84 7.42 -1.01
N HIS A 89 2.89 7.58 -0.19
CA HIS A 89 4.15 8.19 -0.67
C HIS A 89 4.71 7.38 -1.84
N CYS A 90 4.70 6.06 -1.78
CA CYS A 90 5.26 5.21 -2.85
C CYS A 90 4.44 5.45 -4.12
N MET A 91 3.12 5.58 -3.99
CA MET A 91 2.25 5.92 -5.14
C MET A 91 2.65 7.29 -5.70
N TYR A 92 2.89 8.28 -4.85
CA TYR A 92 3.30 9.64 -5.25
C TYR A 92 4.57 9.57 -6.13
N ALA A 93 5.56 8.82 -5.72
CA ALA A 93 6.84 8.70 -6.46
C ALA A 93 6.60 8.05 -7.83
N ILE A 94 5.69 7.08 -7.91
CA ILE A 94 5.36 6.38 -9.18
C ILE A 94 4.62 7.37 -10.08
N LEU A 95 3.65 8.11 -9.54
CA LEU A 95 2.86 9.08 -10.34
C LEU A 95 3.77 10.22 -10.82
N GLN A 96 4.68 10.74 -9.99
CA GLN A 96 5.56 11.87 -10.37
C GLN A 96 6.56 11.43 -11.46
N ASN A 97 6.91 10.15 -11.52
CA ASN A 97 7.97 9.67 -12.46
C ASN A 97 7.33 9.03 -13.70
N ASN A 98 6.01 9.10 -13.83
CA ASN A 98 5.20 8.56 -14.96
C ASN A 98 4.02 9.50 -15.21
N HIS A 99 4.23 10.80 -15.11
CA HIS A 99 3.12 11.79 -14.96
C HIS A 99 2.29 11.87 -16.26
N THR A 100 2.85 11.53 -17.41
CA THR A 100 2.10 11.65 -18.70
C THR A 100 1.11 10.50 -18.84
N LEU A 101 1.22 9.44 -18.04
CA LEU A 101 0.48 8.16 -18.30
C LEU A 101 -0.87 8.11 -17.60
N PHE A 102 -1.20 9.01 -16.66
CA PHE A 102 -2.44 8.88 -15.83
C PHE A 102 -3.41 10.04 -16.05
N THR A 103 -4.69 9.77 -15.80
CA THR A 103 -5.80 10.73 -15.97
C THR A 103 -5.91 11.63 -14.74
N ASP A 104 -6.72 12.68 -14.86
CA ASP A 104 -7.07 13.64 -13.79
C ASP A 104 -7.73 12.87 -12.63
N LEU A 105 -8.67 11.98 -12.96
CA LEU A 105 -9.46 11.21 -11.95
C LEU A 105 -8.55 10.18 -11.26
N GLU A 106 -7.60 9.58 -11.99
CA GLU A 106 -6.65 8.59 -11.44
C GLU A 106 -5.71 9.26 -10.42
N ARG A 107 -5.21 10.46 -10.69
CA ARG A 107 -4.33 11.19 -9.73
C ARG A 107 -5.13 11.46 -8.46
N LYS A 108 -6.34 12.04 -8.58
CA LYS A 108 -7.31 12.26 -7.48
C LYS A 108 -7.51 10.95 -6.72
N GLY A 109 -7.91 9.88 -7.40
CA GLY A 109 -8.37 8.63 -6.75
C GLY A 109 -7.26 7.89 -6.00
N LEU A 110 -6.06 7.78 -6.59
CA LEU A 110 -5.02 6.81 -6.20
C LEU A 110 -4.31 7.17 -4.88
N LEU A 111 -3.95 8.42 -4.62
CA LEU A 111 -3.31 8.79 -3.34
C LEU A 111 -4.34 8.58 -2.22
N ILE A 112 -5.62 8.86 -2.50
CA ILE A 112 -6.73 8.67 -1.52
C ILE A 112 -6.93 7.17 -1.28
N ALA A 113 -6.92 6.37 -2.35
CA ALA A 113 -7.06 4.91 -2.23
C ALA A 113 -5.95 4.36 -1.32
N CYS A 114 -4.73 4.84 -1.52
CA CYS A 114 -3.53 4.38 -0.77
C CYS A 114 -3.68 4.75 0.71
N LEU A 115 -4.13 5.97 1.02
CA LEU A 115 -4.30 6.44 2.41
C LEU A 115 -5.33 5.54 3.14
N CYS A 116 -6.35 5.06 2.43
CA CYS A 116 -7.57 4.45 3.01
C CYS A 116 -7.50 2.92 2.91
N HIS A 117 -6.42 2.39 2.31
CA HIS A 117 -6.41 0.99 1.82
C HIS A 117 -6.47 0.00 2.98
N ASP A 118 -6.03 0.37 4.19
CA ASP A 118 -6.03 -0.58 5.34
C ASP A 118 -6.89 -0.04 6.49
N LEU A 119 -7.88 0.81 6.20
CA LEU A 119 -8.76 1.43 7.22
C LEU A 119 -9.32 0.35 8.18
N ASP A 120 -9.19 0.60 9.47
CA ASP A 120 -9.80 -0.20 10.56
C ASP A 120 -9.23 -1.63 10.53
N HIS A 121 -7.97 -1.78 10.12
CA HIS A 121 -7.23 -3.06 10.19
C HIS A 121 -7.03 -3.41 11.67
N ARG A 122 -7.25 -4.66 12.07
CA ARG A 122 -7.09 -5.12 13.48
C ARG A 122 -5.79 -5.92 13.64
N GLY A 123 -5.04 -6.13 12.55
CA GLY A 123 -3.76 -6.88 12.56
C GLY A 123 -3.92 -8.36 12.25
N PHE A 124 -5.07 -8.76 11.69
CA PHE A 124 -5.40 -10.17 11.36
C PHE A 124 -5.66 -10.32 9.86
N SER A 125 -5.20 -11.45 9.32
CA SER A 125 -5.38 -11.87 7.91
C SER A 125 -6.86 -12.21 7.64
N ASN A 126 -7.27 -12.18 6.37
CA ASN A 126 -8.60 -12.71 5.91
C ASN A 126 -8.79 -14.15 6.40
N SER A 127 -7.72 -14.96 6.45
CA SER A 127 -7.76 -16.39 6.84
C SER A 127 -8.11 -16.53 8.34
N TYR A 128 -7.61 -15.65 9.19
CA TYR A 128 -7.93 -15.72 10.64
C TYR A 128 -9.42 -15.39 10.83
N LEU A 129 -9.90 -14.31 10.20
CA LEU A 129 -11.33 -13.91 10.24
C LEU A 129 -12.23 -15.09 9.79
N GLN A 130 -11.86 -15.87 8.76
CA GLN A 130 -12.61 -17.09 8.33
C GLN A 130 -12.58 -18.16 9.45
N LYS A 131 -11.40 -18.54 9.94
CA LYS A 131 -11.27 -19.61 10.96
C LYS A 131 -11.96 -19.15 12.24
N PHE A 132 -11.88 -17.86 12.57
CA PHE A 132 -12.51 -17.33 13.80
C PHE A 132 -14.04 -17.29 13.63
N ASP A 133 -14.52 -17.27 12.39
CA ASP A 133 -15.95 -17.08 12.04
C ASP A 133 -16.37 -15.69 12.50
N HIS A 134 -15.57 -14.67 12.17
CA HIS A 134 -15.89 -13.24 12.41
C HIS A 134 -17.04 -12.82 11.50
N PRO A 135 -17.95 -11.93 11.95
CA PRO A 135 -19.07 -11.48 11.12
C PRO A 135 -18.67 -10.97 9.74
N LEU A 136 -17.53 -10.29 9.62
CA LEU A 136 -17.04 -9.73 8.33
C LEU A 136 -16.83 -10.87 7.32
N ALA A 137 -16.52 -12.10 7.76
CA ALA A 137 -16.34 -13.25 6.86
C ALA A 137 -17.70 -13.70 6.29
N ALA A 138 -18.79 -13.51 7.05
CA ALA A 138 -20.18 -13.77 6.58
C ALA A 138 -20.58 -12.71 5.53
N LEU A 139 -20.27 -11.45 5.79
CA LEU A 139 -20.66 -10.28 4.96
C LEU A 139 -19.88 -10.26 3.62
N TYR A 140 -18.58 -10.56 3.64
CA TYR A 140 -17.66 -10.54 2.48
C TYR A 140 -16.85 -11.82 2.44
N SER A 141 -17.21 -12.76 1.57
CA SER A 141 -16.67 -14.14 1.57
C SER A 141 -15.23 -14.18 1.01
N THR A 142 -14.87 -13.26 0.10
CA THR A 142 -13.48 -13.12 -0.43
C THR A 142 -13.00 -11.68 -0.21
N SER A 143 -11.69 -11.47 -0.19
CA SER A 143 -11.04 -10.16 0.06
C SER A 143 -11.73 -9.48 1.24
N THR A 144 -11.92 -10.24 2.32
CA THR A 144 -12.81 -9.90 3.45
C THR A 144 -12.46 -8.52 4.02
N MET A 145 -11.19 -8.35 4.41
CA MET A 145 -10.72 -7.12 5.07
C MET A 145 -10.75 -5.98 4.04
N GLU A 146 -10.46 -6.29 2.79
CA GLU A 146 -10.31 -5.27 1.72
C GLU A 146 -11.69 -4.67 1.42
N GLN A 147 -12.71 -5.50 1.31
CA GLN A 147 -14.11 -5.03 1.17
C GLN A 147 -14.48 -4.20 2.41
N HIS A 148 -14.01 -4.58 3.60
CA HIS A 148 -14.24 -3.75 4.81
C HIS A 148 -13.53 -2.40 4.67
N HIS A 149 -12.30 -2.36 4.17
CA HIS A 149 -11.52 -1.09 4.06
C HIS A 149 -12.29 -0.14 3.14
N PHE A 150 -12.82 -0.63 2.04
CA PHE A 150 -13.52 0.22 1.05
C PHE A 150 -14.80 0.78 1.71
N SER A 151 -15.58 -0.11 2.30
CA SER A 151 -16.84 0.21 3.03
C SER A 151 -16.56 1.35 4.01
N GLN A 152 -15.44 1.27 4.72
CA GLN A 152 -15.00 2.27 5.72
C GLN A 152 -14.67 3.57 5.01
N THR A 153 -14.08 3.49 3.81
CA THR A 153 -13.74 4.66 2.98
C THR A 153 -15.03 5.42 2.61
N VAL A 154 -16.07 4.69 2.17
CA VAL A 154 -17.38 5.27 1.76
C VAL A 154 -18.00 5.96 2.98
N SER A 155 -18.09 5.27 4.12
CA SER A 155 -18.62 5.83 5.41
C SER A 155 -17.99 7.20 5.66
N ILE A 156 -16.67 7.29 5.54
CA ILE A 156 -15.93 8.54 5.87
C ILE A 156 -16.29 9.59 4.83
N LEU A 157 -16.25 9.24 3.55
CA LEU A 157 -16.60 10.19 2.44
C LEU A 157 -18.01 10.78 2.65
N GLN A 158 -18.89 10.04 3.34
CA GLN A 158 -20.34 10.36 3.48
C GLN A 158 -20.60 11.13 4.77
N LEU A 159 -19.57 11.34 5.61
CA LEU A 159 -19.64 12.21 6.81
C LEU A 159 -19.81 13.66 6.34
N GLU A 160 -20.53 14.45 7.14
CA GLU A 160 -20.81 15.88 6.87
C GLU A 160 -19.48 16.63 6.73
N GLY A 161 -19.30 17.38 5.64
CA GLY A 161 -18.11 18.20 5.34
C GLY A 161 -16.92 17.37 4.86
N HIS A 162 -17.12 16.09 4.50
CA HIS A 162 -16.02 15.17 4.11
C HIS A 162 -16.07 14.79 2.62
N ASN A 163 -17.05 15.27 1.83
CA ASN A 163 -17.05 14.93 0.39
C ASN A 163 -15.96 15.72 -0.34
N ILE A 164 -14.74 15.20 -0.29
CA ILE A 164 -13.56 15.79 -0.99
C ILE A 164 -13.78 15.75 -2.50
N PHE A 165 -14.72 14.96 -3.01
CA PHE A 165 -14.98 14.88 -4.48
C PHE A 165 -16.26 15.66 -4.87
N SER A 166 -16.67 16.66 -4.07
CA SER A 166 -17.96 17.40 -4.18
C SER A 166 -18.09 18.15 -5.52
N THR A 167 -17.01 18.49 -6.22
CA THR A 167 -17.08 19.26 -7.50
C THR A 167 -17.20 18.33 -8.71
N LEU A 168 -16.99 17.03 -8.56
CA LEU A 168 -17.10 16.06 -9.68
C LEU A 168 -18.59 15.86 -10.01
N SER A 169 -18.89 15.63 -11.29
CA SER A 169 -20.23 15.16 -11.72
C SER A 169 -20.51 13.81 -11.06
N SER A 170 -21.78 13.48 -10.97
CA SER A 170 -22.31 12.16 -10.54
C SER A 170 -21.57 10.99 -11.24
N SER A 171 -21.33 11.07 -12.55
CA SER A 171 -20.68 9.98 -13.32
C SER A 171 -19.17 9.99 -13.02
N GLU A 172 -18.57 11.16 -12.78
CA GLU A 172 -17.12 11.24 -12.45
C GLU A 172 -16.89 10.73 -11.03
N TYR A 173 -17.74 11.16 -10.10
CA TYR A 173 -17.75 10.69 -8.71
C TYR A 173 -17.81 9.15 -8.71
N GLU A 174 -18.65 8.55 -9.56
CA GLU A 174 -18.82 7.08 -9.64
C GLU A 174 -17.56 6.44 -10.23
N GLN A 175 -16.91 7.08 -11.21
CA GLN A 175 -15.67 6.53 -11.78
C GLN A 175 -14.60 6.51 -10.69
N VAL A 176 -14.43 7.62 -9.96
CA VAL A 176 -13.31 7.75 -8.99
C VAL A 176 -13.53 6.77 -7.83
N LEU A 177 -14.77 6.59 -7.35
CA LEU A 177 -15.07 5.58 -6.31
C LEU A 177 -14.76 4.17 -6.85
N GLU A 178 -14.95 3.93 -8.13
CA GLU A 178 -14.66 2.63 -8.76
C GLU A 178 -13.14 2.43 -8.88
N ILE A 179 -12.39 3.48 -9.20
CA ILE A 179 -10.89 3.42 -9.20
C ILE A 179 -10.43 3.01 -7.79
N ILE A 180 -10.97 3.69 -6.78
CA ILE A 180 -10.57 3.49 -5.37
C ILE A 180 -10.96 2.07 -4.96
N ARG A 181 -12.21 1.67 -5.23
CA ARG A 181 -12.69 0.31 -4.89
C ARG A 181 -11.73 -0.73 -5.49
N LYS A 182 -11.44 -0.65 -6.78
CA LYS A 182 -10.60 -1.67 -7.46
C LYS A 182 -9.19 -1.63 -6.86
N ALA A 183 -8.61 -0.44 -6.67
CA ALA A 183 -7.25 -0.26 -6.12
C ALA A 183 -7.17 -0.93 -4.74
N ILE A 184 -8.17 -0.73 -3.88
CA ILE A 184 -8.16 -1.24 -2.49
C ILE A 184 -8.30 -2.76 -2.54
N ILE A 185 -9.19 -3.28 -3.36
CA ILE A 185 -9.37 -4.75 -3.46
C ILE A 185 -8.06 -5.39 -3.93
N ALA A 186 -7.34 -4.76 -4.88
CA ALA A 186 -6.08 -5.28 -5.47
C ALA A 186 -5.02 -5.48 -4.39
N THR A 187 -5.14 -4.81 -3.22
CA THR A 187 -4.16 -4.96 -2.10
C THR A 187 -4.34 -6.32 -1.43
N ASP A 188 -5.42 -7.06 -1.71
CA ASP A 188 -5.52 -8.47 -1.26
C ASP A 188 -4.45 -9.26 -2.02
N LEU A 189 -3.37 -9.63 -1.32
CA LEU A 189 -2.18 -10.26 -1.94
C LEU A 189 -2.55 -11.60 -2.59
N ALA A 190 -3.64 -12.25 -2.16
CA ALA A 190 -4.16 -13.48 -2.80
C ALA A 190 -4.57 -13.19 -4.25
N LEU A 191 -4.89 -11.94 -4.62
CA LEU A 191 -5.31 -11.58 -6.01
C LEU A 191 -4.09 -11.19 -6.82
N TYR A 192 -2.96 -10.87 -6.17
CA TYR A 192 -1.73 -10.36 -6.83
C TYR A 192 -1.17 -11.43 -7.78
N PHE A 193 -1.12 -12.69 -7.34
CA PHE A 193 -0.45 -13.80 -8.09
C PHE A 193 -1.07 -13.88 -9.49
N GLY A 194 -2.39 -14.01 -9.57
CA GLY A 194 -3.16 -13.98 -10.84
C GLY A 194 -2.90 -12.70 -11.65
N ASN A 195 -3.05 -11.53 -11.05
CA ASN A 195 -2.92 -10.20 -11.71
C ASN A 195 -1.55 -10.08 -12.37
N ARG A 196 -0.49 -10.47 -11.68
CA ARG A 196 0.89 -10.31 -12.19
C ARG A 196 1.14 -11.30 -13.34
N LYS A 197 0.62 -12.53 -13.23
CA LYS A 197 0.74 -13.55 -14.30
C LYS A 197 0.09 -12.99 -15.57
N GLN A 198 -1.17 -12.58 -15.49
CA GLN A 198 -1.88 -11.90 -16.61
C GLN A 198 -1.03 -10.76 -17.18
N LEU A 199 -0.49 -9.86 -16.35
CA LEU A 199 0.29 -8.69 -16.86
C LEU A 199 1.59 -9.18 -17.55
N GLU A 200 2.27 -10.19 -16.99
CA GLU A 200 3.55 -10.73 -17.53
C GLU A 200 3.29 -11.29 -18.94
N GLU A 201 2.23 -12.09 -19.09
CA GLU A 201 1.79 -12.65 -20.40
C GLU A 201 1.49 -11.51 -21.38
N MET A 202 0.67 -10.54 -20.96
CA MET A 202 0.24 -9.40 -21.82
C MET A 202 1.47 -8.63 -22.28
N TYR A 203 2.45 -8.41 -21.41
CA TYR A 203 3.69 -7.67 -21.76
C TYR A 203 4.49 -8.47 -22.78
N GLN A 204 4.65 -9.78 -22.56
CA GLN A 204 5.59 -10.66 -23.30
C GLN A 204 4.97 -11.13 -24.63
N THR A 205 3.67 -10.91 -24.85
CA THR A 205 2.99 -11.16 -26.15
C THR A 205 2.66 -9.82 -26.84
N GLY A 206 3.03 -8.68 -26.23
CA GLY A 206 2.79 -7.35 -26.79
C GLY A 206 1.30 -7.00 -26.89
N SER A 207 0.44 -7.63 -26.07
CA SER A 207 -1.02 -7.38 -26.07
C SER A 207 -1.41 -6.29 -25.06
N LEU A 208 -0.55 -5.98 -24.08
CA LEU A 208 -0.81 -4.93 -23.05
C LEU A 208 -1.15 -3.62 -23.76
N ASN A 209 -2.22 -2.96 -23.33
CA ASN A 209 -2.77 -1.75 -23.97
C ASN A 209 -3.34 -0.81 -22.89
N LEU A 210 -2.63 0.28 -22.58
CA LEU A 210 -3.03 1.21 -21.50
C LEU A 210 -4.30 1.97 -21.88
N ASN A 211 -4.76 1.93 -23.14
CA ASN A 211 -6.07 2.52 -23.53
C ASN A 211 -7.18 1.53 -23.18
N ASN A 212 -6.85 0.28 -22.88
CA ASN A 212 -7.87 -0.72 -22.45
C ASN A 212 -8.14 -0.55 -20.95
N GLN A 213 -9.37 -0.21 -20.55
CA GLN A 213 -9.72 0.07 -19.12
C GLN A 213 -9.45 -1.18 -18.27
N SER A 214 -9.82 -2.38 -18.73
CA SER A 214 -9.55 -3.65 -18.00
C SER A 214 -8.03 -3.85 -17.84
N HIS A 215 -7.19 -3.41 -18.78
CA HIS A 215 -5.70 -3.46 -18.67
C HIS A 215 -5.24 -2.38 -17.68
N ARG A 216 -5.81 -1.19 -17.75
CA ARG A 216 -5.46 -0.10 -16.80
C ARG A 216 -5.67 -0.65 -15.39
N ASP A 217 -6.85 -1.22 -15.15
CA ASP A 217 -7.27 -1.78 -13.84
C ASP A 217 -6.16 -2.69 -13.29
N ARG A 218 -5.65 -3.62 -14.13
CA ARG A 218 -4.59 -4.58 -13.77
C ARG A 218 -3.26 -3.88 -13.47
N VAL A 219 -2.89 -2.87 -14.25
CA VAL A 219 -1.63 -2.10 -14.00
C VAL A 219 -1.73 -1.36 -12.66
N ILE A 220 -2.87 -0.71 -12.39
CA ILE A 220 -3.10 0.03 -11.11
C ILE A 220 -3.06 -0.96 -9.94
N GLY A 221 -3.68 -2.13 -10.10
CA GLY A 221 -3.59 -3.22 -9.12
C GLY A 221 -2.15 -3.56 -8.81
N LEU A 222 -1.30 -3.65 -9.82
CA LEU A 222 0.11 -4.05 -9.61
C LEU A 222 0.80 -2.89 -8.92
N MET A 223 0.50 -1.66 -9.30
CA MET A 223 1.05 -0.47 -8.64
C MET A 223 0.67 -0.51 -7.16
N MET A 224 -0.52 -0.99 -6.84
CA MET A 224 -1.03 -1.00 -5.44
C MET A 224 -0.26 -2.07 -4.65
N THR A 225 -0.02 -3.24 -5.25
CA THR A 225 0.83 -4.28 -4.64
C THR A 225 2.21 -3.69 -4.35
N ALA A 226 2.84 -3.06 -5.34
CA ALA A 226 4.20 -2.48 -5.23
C ALA A 226 4.26 -1.50 -4.06
N CYS A 227 3.29 -0.59 -3.98
CA CYS A 227 3.20 0.45 -2.94
C CYS A 227 3.03 -0.23 -1.56
N ASP A 228 2.22 -1.28 -1.49
CA ASP A 228 1.80 -1.92 -0.22
C ASP A 228 2.96 -2.70 0.41
N LEU A 229 3.87 -3.21 -0.43
CA LEU A 229 5.06 -4.01 -0.03
C LEU A 229 6.29 -3.13 0.03
N CYS A 230 6.18 -1.82 -0.17
CA CYS A 230 7.33 -0.92 -0.46
C CYS A 230 8.33 -0.87 0.69
N SER A 231 8.04 -1.45 1.86
CA SER A 231 9.04 -1.54 2.96
C SER A 231 10.27 -2.31 2.47
N VAL A 232 10.11 -3.22 1.49
CA VAL A 232 11.25 -4.03 0.94
C VAL A 232 12.05 -3.19 -0.04
N THR A 233 11.65 -1.94 -0.30
CA THR A 233 12.34 -1.05 -1.26
C THR A 233 12.99 0.13 -0.54
N LYS A 234 13.05 0.10 0.78
CA LYS A 234 13.66 1.18 1.58
C LYS A 234 15.14 0.87 1.79
N LEU A 235 15.90 1.81 2.34
CA LEU A 235 17.27 1.49 2.81
C LEU A 235 17.17 0.38 3.85
N TRP A 236 18.18 -0.48 3.91
CA TRP A 236 18.25 -1.67 4.81
C TRP A 236 17.77 -1.37 6.24
N PRO A 237 18.29 -0.34 6.95
CA PRO A 237 17.86 -0.12 8.34
C PRO A 237 16.34 0.04 8.48
N VAL A 238 15.70 0.75 7.53
CA VAL A 238 14.21 0.88 7.49
C VAL A 238 13.64 -0.53 7.22
N THR A 239 14.12 -1.22 6.20
CA THR A 239 13.59 -2.55 5.78
C THR A 239 13.62 -3.54 6.94
N LYS A 240 14.75 -3.61 7.65
CA LYS A 240 14.96 -4.54 8.78
C LYS A 240 14.03 -4.18 9.93
N LEU A 241 13.93 -2.89 10.29
CA LEU A 241 13.10 -2.46 11.46
C LEU A 241 11.61 -2.65 11.15
N THR A 242 11.17 -2.42 9.91
CA THR A 242 9.76 -2.62 9.51
C THR A 242 9.42 -4.12 9.53
N ALA A 243 10.36 -5.03 9.27
CA ALA A 243 10.10 -6.48 9.26
C ALA A 243 9.68 -6.93 10.68
N ASN A 244 10.34 -6.39 11.71
CA ASN A 244 9.97 -6.59 13.12
C ASN A 244 8.51 -6.21 13.35
N ASP A 245 8.04 -5.11 12.76
CA ASP A 245 6.63 -4.67 13.00
C ASP A 245 5.67 -5.70 12.40
N ILE A 246 5.92 -6.24 11.20
CA ILE A 246 4.89 -7.12 10.59
C ILE A 246 4.87 -8.46 11.34
N TYR A 247 6.02 -8.93 11.82
CA TYR A 247 6.09 -10.21 12.56
C TYR A 247 5.39 -10.05 13.91
N ALA A 248 5.47 -8.87 14.52
CA ALA A 248 4.73 -8.61 15.77
C ALA A 248 3.25 -8.88 15.53
N GLU A 249 2.72 -8.55 14.35
CA GLU A 249 1.30 -8.86 13.99
C GLU A 249 1.16 -10.35 13.67
N PHE A 250 2.02 -10.88 12.79
CA PHE A 250 1.90 -12.28 12.32
C PHE A 250 1.92 -13.22 13.52
N TRP A 251 2.79 -12.96 14.49
CA TRP A 251 3.00 -13.88 15.63
C TRP A 251 1.79 -13.80 16.56
N ALA A 252 1.21 -12.61 16.72
CA ALA A 252 -0.03 -12.41 17.49
C ALA A 252 -1.12 -13.24 16.82
N GLU A 253 -1.22 -13.20 15.49
CA GLU A 253 -2.25 -14.01 14.78
C GLU A 253 -2.00 -15.50 15.03
N GLY A 254 -0.75 -15.95 14.96
CA GLY A 254 -0.40 -17.37 15.16
C GLY A 254 -0.78 -17.85 16.54
N ASP A 255 -0.55 -17.00 17.56
CA ASP A 255 -1.04 -17.23 18.94
C ASP A 255 -2.55 -17.48 18.87
N GLU A 256 -3.29 -16.61 18.17
CA GLU A 256 -4.76 -16.66 18.17
C GLU A 256 -5.22 -17.94 17.47
N MET A 257 -4.50 -18.34 16.41
CA MET A 257 -4.75 -19.61 15.68
C MET A 257 -4.58 -20.76 16.66
N LYS A 258 -3.47 -20.78 17.40
CA LYS A 258 -3.22 -21.81 18.43
C LYS A 258 -4.39 -21.85 19.42
N LYS A 259 -4.96 -20.70 19.80
CA LYS A 259 -6.09 -20.65 20.77
C LYS A 259 -7.33 -21.32 20.17
N LEU A 260 -7.47 -21.31 18.86
CA LEU A 260 -8.59 -21.94 18.11
C LEU A 260 -8.31 -23.44 17.93
N GLY A 261 -7.16 -23.93 18.37
CA GLY A 261 -6.74 -25.34 18.24
C GLY A 261 -6.19 -25.64 16.86
N ILE A 262 -5.77 -24.61 16.11
CA ILE A 262 -5.24 -24.73 14.72
C ILE A 262 -3.74 -24.41 14.71
N GLN A 263 -2.92 -25.28 14.11
CA GLN A 263 -1.48 -24.99 13.92
C GLN A 263 -1.32 -23.85 12.91
N PRO A 264 -0.64 -22.75 13.29
CA PRO A 264 -0.45 -21.64 12.36
C PRO A 264 0.54 -22.02 11.26
N ILE A 265 0.53 -21.32 10.14
CA ILE A 265 1.55 -21.48 9.07
C ILE A 265 2.86 -20.93 9.62
N PRO A 266 4.03 -21.32 9.07
CA PRO A 266 5.32 -20.99 9.71
C PRO A 266 5.55 -19.49 9.94
N MET A 267 5.11 -18.62 9.02
CA MET A 267 5.44 -17.18 9.11
C MET A 267 4.74 -16.54 10.31
N MET A 268 3.75 -17.22 10.89
CA MET A 268 2.92 -16.69 11.99
C MET A 268 3.23 -17.38 13.32
N ASP A 269 4.17 -18.34 13.33
CA ASP A 269 4.57 -19.04 14.57
C ASP A 269 5.84 -18.38 15.12
N ARG A 270 5.74 -17.75 16.30
CA ARG A 270 6.86 -17.02 16.95
C ARG A 270 7.95 -18.00 17.40
N ASP A 271 7.66 -19.30 17.46
CA ASP A 271 8.66 -20.34 17.82
C ASP A 271 9.61 -20.56 16.63
N LYS A 272 9.24 -20.14 15.42
CA LYS A 272 10.06 -20.26 14.17
C LYS A 272 10.84 -18.96 13.91
N LYS A 273 11.00 -18.13 14.95
CA LYS A 273 11.68 -16.81 14.93
C LYS A 273 13.05 -16.87 14.24
N ASP A 274 13.84 -17.92 14.49
CA ASP A 274 15.21 -18.06 13.92
C ASP A 274 15.16 -18.30 12.40
N GLU A 275 14.02 -18.68 11.84
CA GLU A 275 13.89 -18.98 10.37
C GLU A 275 13.44 -17.75 9.58
N VAL A 276 13.33 -16.57 10.22
CA VAL A 276 12.77 -15.35 9.56
C VAL A 276 13.64 -14.97 8.35
N PRO A 277 14.98 -14.92 8.47
CA PRO A 277 15.81 -14.56 7.32
C PRO A 277 15.49 -15.44 6.10
N GLN A 278 15.30 -16.75 6.28
CA GLN A 278 15.00 -17.69 5.16
C GLN A 278 13.55 -17.43 4.66
N GLY A 279 12.59 -17.20 5.56
CA GLY A 279 11.22 -16.80 5.18
C GLY A 279 11.23 -15.53 4.32
N GLN A 280 12.02 -14.54 4.70
CA GLN A 280 12.19 -13.28 3.93
C GLN A 280 12.73 -13.61 2.53
N LEU A 281 13.80 -14.39 2.48
CA LEU A 281 14.42 -14.80 1.20
C LEU A 281 13.33 -15.42 0.31
N GLY A 282 12.59 -16.39 0.84
CA GLY A 282 11.46 -17.04 0.14
C GLY A 282 10.44 -16.02 -0.39
N PHE A 283 10.12 -15.02 0.42
CA PHE A 283 9.10 -13.98 0.11
C PHE A 283 9.62 -13.05 -1.00
N TYR A 284 10.89 -12.64 -0.95
CA TYR A 284 11.50 -11.78 -2.01
C TYR A 284 11.47 -12.54 -3.35
N ASN A 285 11.80 -13.84 -3.35
CA ASN A 285 11.97 -14.65 -4.59
C ASN A 285 10.61 -14.93 -5.23
N ALA A 286 9.61 -15.29 -4.43
CA ALA A 286 8.27 -15.71 -4.90
C ALA A 286 7.32 -14.50 -5.13
N VAL A 287 7.50 -13.38 -4.42
CA VAL A 287 6.52 -12.24 -4.45
C VAL A 287 7.20 -10.94 -4.91
N ALA A 288 8.10 -10.40 -4.10
CA ALA A 288 8.62 -9.01 -4.23
C ALA A 288 9.37 -8.80 -5.56
N ILE A 289 10.43 -9.56 -5.81
CA ILE A 289 11.25 -9.40 -7.05
C ILE A 289 10.32 -9.49 -8.26
N PRO A 290 9.55 -10.59 -8.44
CA PRO A 290 8.62 -10.68 -9.56
C PRO A 290 7.74 -9.44 -9.68
N CYS A 291 7.22 -8.94 -8.55
CA CYS A 291 6.29 -7.76 -8.50
C CYS A 291 6.99 -6.55 -9.12
N TYR A 292 8.14 -6.16 -8.59
CA TYR A 292 8.87 -4.95 -9.05
C TYR A 292 9.46 -5.21 -10.45
N THR A 293 9.82 -6.46 -10.76
CA THR A 293 10.36 -6.82 -12.10
C THR A 293 9.27 -6.49 -13.13
N THR A 294 8.04 -7.01 -12.93
CA THR A 294 6.91 -6.82 -13.87
C THR A 294 6.57 -5.33 -13.95
N LEU A 295 6.58 -4.63 -12.81
CA LEU A 295 6.22 -3.19 -12.77
C LEU A 295 7.27 -2.40 -13.54
N THR A 296 8.54 -2.80 -13.45
CA THR A 296 9.64 -2.10 -14.15
C THR A 296 9.47 -2.24 -15.67
N GLN A 297 8.98 -3.38 -16.13
CA GLN A 297 8.78 -3.64 -17.58
C GLN A 297 7.69 -2.70 -18.10
N ILE A 298 6.62 -2.55 -17.33
CA ILE A 298 5.45 -1.72 -17.73
C ILE A 298 5.75 -0.25 -17.49
N LEU A 299 6.42 0.11 -16.39
CA LEU A 299 6.78 1.51 -16.03
C LEU A 299 8.27 1.60 -15.71
N PRO A 300 9.12 1.76 -16.75
CA PRO A 300 10.58 1.74 -16.59
C PRO A 300 11.13 2.67 -15.51
N PRO A 301 10.59 3.89 -15.32
CA PRO A 301 11.06 4.79 -14.26
C PRO A 301 10.90 4.28 -12.80
N THR A 302 10.14 3.19 -12.58
CA THR A 302 9.97 2.52 -11.26
C THR A 302 11.17 1.62 -10.94
N GLU A 303 12.22 1.66 -11.78
CA GLU A 303 13.45 0.84 -11.67
C GLU A 303 14.02 0.90 -10.25
N PRO A 304 14.13 2.08 -9.61
CA PRO A 304 14.78 2.18 -8.30
C PRO A 304 14.14 1.27 -7.23
N LEU A 305 12.85 0.99 -7.34
CA LEU A 305 12.15 0.04 -6.43
C LEU A 305 12.73 -1.35 -6.60
N LEU A 306 12.87 -1.83 -7.84
CA LEU A 306 13.46 -3.15 -8.16
C LEU A 306 14.91 -3.20 -7.66
N LYS A 307 15.70 -2.15 -7.92
CA LYS A 307 17.13 -2.08 -7.50
C LYS A 307 17.22 -2.26 -5.99
N ALA A 308 16.46 -1.49 -5.23
CA ALA A 308 16.48 -1.48 -3.75
C ALA A 308 15.94 -2.81 -3.22
N CYS A 309 14.99 -3.42 -3.93
CA CYS A 309 14.45 -4.74 -3.54
C CYS A 309 15.54 -5.80 -3.71
N ARG A 310 16.37 -5.69 -4.75
CA ARG A 310 17.50 -6.63 -4.99
C ARG A 310 18.55 -6.39 -3.91
N ASP A 311 18.83 -5.13 -3.58
CA ASP A 311 19.85 -4.83 -2.54
C ASP A 311 19.44 -5.49 -1.23
N ASN A 312 18.15 -5.39 -0.84
CA ASN A 312 17.64 -5.95 0.45
C ASN A 312 17.63 -7.48 0.38
N LEU A 313 17.45 -8.08 -0.80
CA LEU A 313 17.55 -9.54 -0.98
C LEU A 313 18.98 -10.00 -0.63
N SER A 314 20.01 -9.27 -1.09
CA SER A 314 21.44 -9.53 -0.74
C SER A 314 21.64 -9.39 0.76
N GLN A 315 21.05 -8.35 1.38
CA GLN A 315 21.14 -8.15 2.85
C GLN A 315 20.60 -9.40 3.58
N TRP A 316 19.46 -9.95 3.16
CA TRP A 316 18.87 -11.13 3.82
C TRP A 316 19.78 -12.36 3.66
N GLU A 317 20.38 -12.52 2.48
CA GLU A 317 21.39 -13.59 2.20
C GLU A 317 22.58 -13.41 3.15
N LYS A 318 23.06 -12.18 3.32
CA LYS A 318 24.18 -11.89 4.26
C LYS A 318 23.76 -12.29 5.68
N VAL A 319 22.49 -12.12 6.04
CA VAL A 319 22.01 -12.48 7.41
C VAL A 319 22.08 -14.01 7.55
N ILE A 320 21.56 -14.73 6.56
CA ILE A 320 21.60 -16.22 6.49
C ILE A 320 23.04 -16.75 6.62
N ARG A 321 24.04 -16.08 6.03
CA ARG A 321 25.47 -16.51 6.08
C ARG A 321 26.16 -16.03 7.37
N GLY A 322 25.44 -15.33 8.26
CA GLY A 322 25.98 -14.86 9.55
C GLY A 322 26.96 -13.71 9.40
N GLU A 323 26.93 -12.98 8.29
CA GLU A 323 27.77 -11.76 8.08
C GLU A 323 27.04 -10.50 8.58
N GLU A 324 25.71 -10.59 8.77
CA GLU A 324 24.82 -9.53 9.33
C GLU A 324 23.95 -10.15 10.44
N THR A 325 23.49 -9.35 11.43
CA THR A 325 22.59 -9.77 12.55
C THR A 325 21.19 -9.14 12.39
N ALA A 326 20.18 -9.76 13.00
CA ALA A 326 18.77 -9.29 13.08
C ALA A 326 18.03 -10.01 14.21
ZN ZN B . -1.40 -2.43 3.33
MG MG C . -4.35 -4.61 3.53
C4 KCU D . 6.10 -12.90 4.28
C5 KCU D . 5.65 -13.92 3.43
C6 KCU D . 5.97 -15.25 3.66
C7 KCU D . 6.90 -13.22 5.39
C8 KCU D . 7.24 -14.56 5.62
N12 KCU D . 8.00 -15.12 6.64
C13 KCU D . 8.64 -17.44 7.24
C15 KCU D . 9.62 -18.03 9.36
C17 KCU D . 9.21 -19.72 7.73
C22 KCU D . 4.54 -8.88 3.51
C26 KCU D . 8.14 -7.43 5.68
C1 KCU D . 6.37 -10.43 4.48
N2 KCU D . 5.75 -11.55 4.03
O3 KCU D . 7.29 -10.43 5.29
C9 KCU D . 6.77 -15.55 4.76
N10 KCU D . 7.26 -16.74 5.27
C11 KCU D . 8.01 -16.42 6.38
C14 KCU D . 9.10 -17.07 8.50
C16 KCU D . 9.69 -19.35 8.97
C18 KCU D . 8.66 -18.79 6.88
C19 KCU D . 5.82 -9.16 3.96
N20 KCU D . 5.80 -6.97 3.37
N21 KCU D . 6.55 -8.01 3.85
C23 KCU D . 4.60 -7.47 3.16
CL24 KCU D . 3.25 -10.04 3.45
C25 KCU D . 7.95 -7.80 4.21
C27 KCU D . 7.29 -6.16 6.13
#